data_1LIQ
#
_entry.id   1LIQ
#
loop_
_entity.id
_entity.type
_entity.pdbx_description
1 polymer 'CREB Binding Protein'
2 non-polymer 'ZINC ION'
#
_entity_poly.entity_id   1
_entity_poly.type   'polypeptide(L)'
_entity_poly.pdbx_seq_one_letter_code
;EVRACSLPHCRTMKNVLNHMTHCQAGK
;
_entity_poly.pdbx_strand_id   A
#
# COMPACT_ATOMS: atom_id res chain seq x y z
N GLU A 1 2.66 -2.93 -3.08
CA GLU A 1 3.46 -1.89 -2.36
C GLU A 1 2.71 -0.57 -2.28
N VAL A 2 2.70 0.01 -1.09
CA VAL A 2 2.02 1.27 -0.85
C VAL A 2 2.57 2.37 -1.75
N ARG A 3 3.84 2.28 -2.09
CA ARG A 3 4.49 3.26 -2.95
C ARG A 3 3.90 3.21 -4.37
N ALA A 4 3.43 2.04 -4.77
CA ALA A 4 2.86 1.86 -6.10
C ALA A 4 1.33 1.96 -6.06
N CYS A 5 0.78 2.20 -4.88
CA CYS A 5 -0.67 2.31 -4.73
C CYS A 5 -1.18 3.64 -5.28
N SER A 6 -2.48 3.70 -5.57
CA SER A 6 -3.09 4.92 -6.09
C SER A 6 -4.17 5.43 -5.13
N LEU A 7 -4.13 4.97 -3.89
CA LEU A 7 -5.11 5.38 -2.88
C LEU A 7 -4.51 6.38 -1.89
N PRO A 8 -5.30 7.36 -1.43
CA PRO A 8 -4.84 8.36 -0.46
C PRO A 8 -4.81 7.82 0.97
N HIS A 9 -5.40 6.65 1.17
CA HIS A 9 -5.44 6.02 2.49
C HIS A 9 -4.12 5.36 2.80
N CYS A 10 -3.66 4.53 1.88
CA CYS A 10 -2.40 3.81 2.05
C CYS A 10 -1.23 4.79 2.06
N ARG A 11 -1.41 5.94 1.43
CA ARG A 11 -0.35 6.95 1.37
C ARG A 11 -0.28 7.71 2.68
N THR A 12 0.46 7.15 3.64
CA THR A 12 0.60 7.77 4.95
C THR A 12 2.07 7.76 5.40
N MET A 13 2.51 6.62 5.94
CA MET A 13 3.89 6.48 6.40
C MET A 13 4.65 5.46 5.55
N LYS A 14 4.01 4.98 4.49
CA LYS A 14 4.61 4.00 3.59
C LYS A 14 4.52 2.58 4.17
N ASN A 15 3.57 2.38 5.08
CA ASN A 15 3.37 1.08 5.71
C ASN A 15 2.93 0.05 4.68
N VAL A 16 3.87 -0.42 3.87
CA VAL A 16 3.59 -1.41 2.84
C VAL A 16 2.78 -2.58 3.39
N LEU A 17 3.14 -3.03 4.59
CA LEU A 17 2.47 -4.15 5.22
C LEU A 17 0.99 -3.83 5.43
N ASN A 18 0.70 -2.57 5.72
CA ASN A 18 -0.66 -2.12 5.94
C ASN A 18 -1.41 -1.99 4.62
N HIS A 19 -0.67 -1.71 3.55
CA HIS A 19 -1.26 -1.56 2.23
C HIS A 19 -1.57 -2.92 1.61
N MET A 20 -0.55 -3.76 1.49
CA MET A 20 -0.74 -5.08 0.90
C MET A 20 -1.79 -5.89 1.66
N THR A 21 -2.05 -5.50 2.90
CA THR A 21 -3.03 -6.19 3.72
C THR A 21 -4.43 -6.09 3.11
N HIS A 22 -4.65 -5.03 2.35
CA HIS A 22 -5.95 -4.80 1.71
C HIS A 22 -5.83 -4.59 0.21
N CYS A 23 -4.64 -4.22 -0.24
CA CYS A 23 -4.40 -3.96 -1.63
C CYS A 23 -3.68 -5.12 -2.31
N GLN A 24 -3.70 -5.15 -3.63
CA GLN A 24 -3.05 -6.20 -4.39
C GLN A 24 -1.75 -5.71 -5.02
N ALA A 25 -0.66 -6.43 -4.75
CA ALA A 25 0.64 -6.06 -5.28
C ALA A 25 1.69 -7.11 -4.94
N GLY A 26 1.28 -8.38 -4.95
CA GLY A 26 2.20 -9.46 -4.64
C GLY A 26 3.30 -9.59 -5.67
N LYS A 27 3.44 -10.79 -6.23
CA LYS A 27 4.47 -11.05 -7.24
C LYS A 27 3.87 -11.78 -8.43
N GLU A 1 2.77 -3.19 -2.85
CA GLU A 1 3.57 -2.08 -2.24
C GLU A 1 2.79 -0.78 -2.26
N VAL A 2 2.85 -0.04 -1.16
CA VAL A 2 2.16 1.23 -1.03
C VAL A 2 2.72 2.26 -2.00
N ARG A 3 4.01 2.14 -2.31
CA ARG A 3 4.66 3.07 -3.23
C ARG A 3 4.00 3.02 -4.61
N ALA A 4 3.43 1.88 -4.94
CA ALA A 4 2.77 1.72 -6.23
C ALA A 4 1.25 1.84 -6.12
N CYS A 5 0.77 2.12 -4.91
CA CYS A 5 -0.67 2.27 -4.67
C CYS A 5 -1.17 3.60 -5.21
N SER A 6 -2.47 3.69 -5.42
CA SER A 6 -3.09 4.91 -5.92
C SER A 6 -4.16 5.40 -4.95
N LEU A 7 -4.10 4.94 -3.71
CA LEU A 7 -5.07 5.35 -2.70
C LEU A 7 -4.47 6.35 -1.71
N PRO A 8 -5.29 7.30 -1.23
CA PRO A 8 -4.83 8.32 -0.28
C PRO A 8 -4.76 7.78 1.15
N HIS A 9 -5.33 6.60 1.36
CA HIS A 9 -5.33 5.97 2.68
C HIS A 9 -3.98 5.33 2.97
N CYS A 10 -3.50 4.54 2.02
CA CYS A 10 -2.22 3.87 2.15
C CYS A 10 -1.07 4.86 2.09
N ARG A 11 -1.30 5.99 1.42
CA ARG A 11 -0.28 7.02 1.30
C ARG A 11 -0.09 7.75 2.62
N THR A 12 0.74 7.18 3.50
CA THR A 12 1.00 7.77 4.80
C THR A 12 2.46 7.53 5.22
N MET A 13 2.69 6.46 5.98
CA MET A 13 4.02 6.12 6.43
C MET A 13 4.60 4.99 5.58
N LYS A 14 4.03 4.82 4.38
CA LYS A 14 4.45 3.78 3.46
C LYS A 14 4.44 2.41 4.13
N ASN A 15 3.49 2.19 5.02
CA ASN A 15 3.35 0.93 5.72
C ASN A 15 2.94 -0.18 4.75
N VAL A 16 3.88 -0.64 3.95
CA VAL A 16 3.61 -1.69 2.97
C VAL A 16 2.79 -2.83 3.56
N LEU A 17 3.11 -3.20 4.80
CA LEU A 17 2.39 -4.28 5.46
C LEU A 17 0.93 -3.91 5.66
N ASN A 18 0.69 -2.63 5.91
CA ASN A 18 -0.67 -2.12 6.10
C ASN A 18 -1.40 -2.01 4.77
N HIS A 19 -0.64 -1.71 3.72
CA HIS A 19 -1.20 -1.56 2.39
C HIS A 19 -1.54 -2.92 1.78
N MET A 20 -0.55 -3.80 1.70
CA MET A 20 -0.76 -5.12 1.14
C MET A 20 -1.85 -5.90 1.89
N THR A 21 -2.11 -5.49 3.13
CA THR A 21 -3.13 -6.14 3.95
C THR A 21 -4.51 -6.02 3.30
N HIS A 22 -4.71 -4.98 2.51
CA HIS A 22 -5.99 -4.75 1.85
C HIS A 22 -5.83 -4.59 0.34
N CYS A 23 -4.65 -4.14 -0.08
CA CYS A 23 -4.39 -3.91 -1.47
C CYS A 23 -3.68 -5.10 -2.11
N GLN A 24 -3.43 -5.01 -3.41
CA GLN A 24 -2.76 -6.08 -4.15
C GLN A 24 -1.69 -5.52 -5.06
N ALA A 25 -1.07 -6.41 -5.85
CA ALA A 25 -0.02 -6.02 -6.79
C ALA A 25 1.34 -5.95 -6.10
N GLY A 26 1.92 -7.11 -5.84
CA GLY A 26 3.22 -7.16 -5.18
C GLY A 26 4.08 -8.32 -5.67
N LYS A 27 3.75 -9.53 -5.22
CA LYS A 27 4.50 -10.72 -5.61
C LYS A 27 3.87 -11.97 -5.02
N GLU A 1 2.97 -3.12 -2.91
CA GLU A 1 3.75 -2.06 -2.23
C GLU A 1 2.98 -0.74 -2.20
N VAL A 2 2.94 -0.13 -1.02
CA VAL A 2 2.24 1.13 -0.84
C VAL A 2 2.80 2.21 -1.75
N ARG A 3 4.09 2.12 -2.05
CA ARG A 3 4.75 3.09 -2.92
C ARG A 3 4.19 3.03 -4.34
N ALA A 4 3.68 1.85 -4.72
CA ALA A 4 3.11 1.68 -6.05
C ALA A 4 1.59 1.76 -6.03
N CYS A 5 1.02 1.98 -4.86
CA CYS A 5 -0.43 2.08 -4.72
C CYS A 5 -0.92 3.43 -5.23
N SER A 6 -2.22 3.51 -5.53
CA SER A 6 -2.82 4.74 -6.01
C SER A 6 -3.94 5.19 -5.08
N LEU A 7 -3.91 4.70 -3.83
CA LEU A 7 -4.93 5.05 -2.85
C LEU A 7 -4.39 6.06 -1.82
N PRO A 8 -5.09 7.18 -1.61
CA PRO A 8 -4.67 8.21 -0.64
C PRO A 8 -4.63 7.67 0.79
N HIS A 9 -5.27 6.52 1.00
CA HIS A 9 -5.30 5.91 2.33
C HIS A 9 -3.97 5.27 2.65
N CYS A 10 -3.55 4.36 1.79
CA CYS A 10 -2.29 3.66 1.97
C CYS A 10 -1.12 4.64 1.97
N ARG A 11 -1.30 5.78 1.33
CA ARG A 11 -0.27 6.81 1.26
C ARG A 11 -0.21 7.59 2.57
N THR A 12 0.51 7.06 3.54
CA THR A 12 0.66 7.71 4.84
C THR A 12 2.11 7.74 5.29
N MET A 13 2.58 6.62 5.85
CA MET A 13 3.95 6.52 6.32
C MET A 13 4.75 5.51 5.50
N LYS A 14 4.12 4.98 4.44
CA LYS A 14 4.76 3.99 3.58
C LYS A 14 4.70 2.59 4.19
N ASN A 15 3.76 2.39 5.10
CA ASN A 15 3.60 1.10 5.76
C ASN A 15 3.14 0.04 4.76
N VAL A 16 4.08 -0.42 3.94
CA VAL A 16 3.79 -1.44 2.92
C VAL A 16 3.01 -2.61 3.51
N LEU A 17 3.37 -3.02 4.71
CA LEU A 17 2.69 -4.14 5.37
C LEU A 17 1.21 -3.85 5.55
N ASN A 18 0.89 -2.59 5.81
CA ASN A 18 -0.48 -2.16 5.99
C ASN A 18 -1.22 -2.08 4.67
N HIS A 19 -0.48 -1.80 3.60
CA HIS A 19 -1.06 -1.69 2.27
C HIS A 19 -1.32 -3.07 1.66
N MET A 20 -0.28 -3.89 1.58
CA MET A 20 -0.43 -5.24 1.01
C MET A 20 -1.48 -6.04 1.76
N THR A 21 -1.76 -5.64 3.00
CA THR A 21 -2.74 -6.33 3.82
C THR A 21 -4.13 -6.25 3.19
N HIS A 22 -4.37 -5.21 2.42
CA HIS A 22 -5.66 -5.01 1.77
C HIS A 22 -5.52 -4.82 0.26
N CYS A 23 -4.33 -4.47 -0.19
CA CYS A 23 -4.09 -4.22 -1.60
C CYS A 23 -3.33 -5.37 -2.23
N GLN A 24 -2.93 -5.18 -3.49
CA GLN A 24 -2.20 -6.21 -4.22
C GLN A 24 -1.68 -5.66 -5.55
N ALA A 25 -0.41 -5.95 -5.85
CA ALA A 25 0.19 -5.49 -7.09
C ALA A 25 1.52 -6.19 -7.34
N GLY A 26 1.58 -7.48 -6.99
CA GLY A 26 2.79 -8.24 -7.19
C GLY A 26 3.06 -9.21 -6.05
N LYS A 27 3.18 -10.50 -6.39
CA LYS A 27 3.44 -11.52 -5.38
C LYS A 27 2.31 -11.56 -4.35
N GLU A 1 3.32 -2.70 -2.97
CA GLU A 1 4.02 -1.68 -2.14
C GLU A 1 3.23 -0.39 -2.08
N VAL A 2 3.11 0.16 -0.88
CA VAL A 2 2.38 1.40 -0.67
C VAL A 2 2.93 2.52 -1.53
N ARG A 3 4.23 2.48 -1.78
CA ARG A 3 4.89 3.50 -2.60
C ARG A 3 4.42 3.42 -4.05
N ALA A 4 4.01 2.23 -4.47
CA ALA A 4 3.53 2.02 -5.84
C ALA A 4 2.01 2.04 -5.92
N CYS A 5 1.35 2.24 -4.77
CA CYS A 5 -0.10 2.27 -4.73
C CYS A 5 -0.63 3.60 -5.27
N SER A 6 -1.89 3.62 -5.65
CA SER A 6 -2.52 4.82 -6.18
C SER A 6 -3.68 5.26 -5.28
N LEU A 7 -3.70 4.77 -4.04
CA LEU A 7 -4.76 5.12 -3.10
C LEU A 7 -4.27 6.12 -2.06
N PRO A 8 -4.98 7.25 -1.89
CA PRO A 8 -4.62 8.28 -0.91
C PRO A 8 -4.64 7.76 0.51
N HIS A 9 -5.29 6.61 0.72
CA HIS A 9 -5.39 6.01 2.04
C HIS A 9 -4.06 5.40 2.45
N CYS A 10 -3.57 4.51 1.61
CA CYS A 10 -2.30 3.83 1.86
C CYS A 10 -1.15 4.83 1.93
N ARG A 11 -1.33 5.96 1.26
CA ARG A 11 -0.31 7.01 1.24
C ARG A 11 -0.35 7.80 2.55
N THR A 12 0.34 7.28 3.56
CA THR A 12 0.39 7.93 4.87
C THR A 12 1.82 7.99 5.40
N MET A 13 2.28 6.87 5.97
CA MET A 13 3.63 6.80 6.52
C MET A 13 4.48 5.78 5.76
N LYS A 14 3.92 5.23 4.68
CA LYS A 14 4.62 4.23 3.86
C LYS A 14 4.56 2.85 4.50
N ASN A 15 3.56 2.64 5.36
CA ASN A 15 3.38 1.35 6.02
C ASN A 15 3.01 0.27 5.01
N VAL A 16 4.00 -0.18 4.26
CA VAL A 16 3.79 -1.21 3.24
C VAL A 16 3.00 -2.39 3.80
N LEU A 17 3.27 -2.74 5.05
CA LEU A 17 2.57 -3.87 5.68
C LEU A 17 1.07 -3.63 5.72
N ASN A 18 0.70 -2.36 5.92
CA ASN A 18 -0.71 -1.99 5.97
C ASN A 18 -1.32 -1.97 4.58
N HIS A 19 -0.49 -1.64 3.58
CA HIS A 19 -0.95 -1.58 2.20
C HIS A 19 -1.08 -2.98 1.60
N MET A 20 0.03 -3.71 1.56
CA MET A 20 0.04 -5.06 1.00
C MET A 20 -1.02 -5.95 1.68
N THR A 21 -1.41 -5.57 2.90
CA THR A 21 -2.40 -6.34 3.64
C THR A 21 -3.79 -6.23 3.00
N HIS A 22 -3.99 -5.20 2.18
CA HIS A 22 -5.28 -5.00 1.53
C HIS A 22 -5.14 -4.71 0.03
N CYS A 23 -3.92 -4.47 -0.42
CA CYS A 23 -3.67 -4.16 -1.80
C CYS A 23 -2.85 -5.24 -2.48
N GLN A 24 -3.46 -6.41 -2.64
CA GLN A 24 -2.78 -7.54 -3.29
C GLN A 24 -2.56 -7.27 -4.77
N ALA A 25 -1.32 -7.44 -5.22
CA ALA A 25 -0.97 -7.21 -6.61
C ALA A 25 0.49 -7.57 -6.88
N GLY A 26 0.76 -8.10 -8.07
CA GLY A 26 2.11 -8.48 -8.43
C GLY A 26 2.65 -9.59 -7.55
N LYS A 27 3.12 -10.67 -8.17
CA LYS A 27 3.66 -11.80 -7.44
C LYS A 27 2.61 -12.40 -6.50
N GLU A 1 3.04 -3.22 -2.69
CA GLU A 1 3.75 -2.09 -2.05
C GLU A 1 2.88 -0.84 -2.01
N VAL A 2 2.88 -0.16 -0.87
CA VAL A 2 2.10 1.05 -0.70
C VAL A 2 2.60 2.16 -1.62
N ARG A 3 3.90 2.16 -1.89
CA ARG A 3 4.50 3.17 -2.76
C ARG A 3 3.94 3.06 -4.18
N ALA A 4 3.55 1.86 -4.58
CA ALA A 4 3.01 1.63 -5.90
C ALA A 4 1.48 1.68 -5.91
N CYS A 5 0.89 1.96 -4.75
CA CYS A 5 -0.56 2.04 -4.64
C CYS A 5 -1.08 3.33 -5.24
N SER A 6 -2.37 3.35 -5.55
CA SER A 6 -3.00 4.54 -6.13
C SER A 6 -4.06 5.10 -5.18
N LEU A 7 -4.00 4.70 -3.91
CA LEU A 7 -4.97 5.17 -2.93
C LEU A 7 -4.34 6.19 -1.99
N PRO A 8 -5.10 7.22 -1.57
CA PRO A 8 -4.61 8.26 -0.67
C PRO A 8 -4.61 7.82 0.79
N HIS A 9 -5.15 6.63 1.05
CA HIS A 9 -5.21 6.09 2.40
C HIS A 9 -3.91 5.39 2.77
N CYS A 10 -3.47 4.50 1.89
CA CYS A 10 -2.24 3.75 2.11
C CYS A 10 -1.03 4.69 2.13
N ARG A 11 -1.15 5.82 1.43
CA ARG A 11 -0.06 6.79 1.39
C ARG A 11 0.02 7.56 2.69
N THR A 12 0.73 6.99 3.67
CA THR A 12 0.88 7.63 4.97
C THR A 12 2.34 7.59 5.43
N MET A 13 2.74 6.46 6.00
CA MET A 13 4.11 6.29 6.48
C MET A 13 4.86 5.24 5.66
N LYS A 14 4.22 4.76 4.59
CA LYS A 14 4.82 3.75 3.72
C LYS A 14 4.72 2.36 4.35
N ASN A 15 3.76 2.18 5.26
CA ASN A 15 3.56 0.91 5.92
C ASN A 15 3.07 -0.14 4.92
N VAL A 16 3.99 -0.63 4.10
CA VAL A 16 3.66 -1.64 3.09
C VAL A 16 2.84 -2.78 3.69
N LEU A 17 3.19 -3.19 4.90
CA LEU A 17 2.48 -4.27 5.58
C LEU A 17 1.00 -3.94 5.74
N ASN A 18 0.73 -2.66 5.96
CA ASN A 18 -0.64 -2.19 6.14
C ASN A 18 -1.35 -2.12 4.79
N HIS A 19 -0.60 -1.85 3.74
CA HIS A 19 -1.16 -1.74 2.40
C HIS A 19 -1.41 -3.12 1.81
N MET A 20 -0.36 -3.92 1.68
CA MET A 20 -0.47 -5.26 1.12
C MET A 20 -1.51 -6.09 1.87
N THR A 21 -1.80 -5.71 3.11
CA THR A 21 -2.77 -6.42 3.92
C THR A 21 -4.20 -6.22 3.39
N HIS A 22 -4.39 -5.17 2.58
CA HIS A 22 -5.72 -4.89 2.03
C HIS A 22 -5.67 -4.60 0.53
N CYS A 23 -4.46 -4.47 -0.01
CA CYS A 23 -4.30 -4.15 -1.41
C CYS A 23 -3.60 -5.30 -2.15
N GLN A 24 -3.92 -5.43 -3.43
CA GLN A 24 -3.32 -6.48 -4.26
C GLN A 24 -2.29 -5.90 -5.21
N ALA A 25 -1.55 -6.79 -5.89
CA ALA A 25 -0.52 -6.38 -6.85
C ALA A 25 0.79 -6.08 -6.15
N GLY A 26 1.89 -6.59 -6.70
CA GLY A 26 3.19 -6.37 -6.12
C GLY A 26 3.71 -7.58 -5.35
N LYS A 27 3.43 -8.77 -5.89
CA LYS A 27 3.87 -10.01 -5.24
C LYS A 27 3.27 -10.14 -3.85
N GLU A 1 2.76 -3.30 -2.69
CA GLU A 1 3.58 -2.20 -2.10
C GLU A 1 2.80 -0.90 -2.04
N VAL A 2 2.93 -0.20 -0.92
CA VAL A 2 2.24 1.06 -0.70
C VAL A 2 2.71 2.13 -1.69
N ARG A 3 3.97 2.03 -2.08
CA ARG A 3 4.55 2.99 -3.02
C ARG A 3 3.92 2.85 -4.40
N ALA A 4 3.48 1.63 -4.72
CA ALA A 4 2.86 1.38 -6.02
C ALA A 4 1.34 1.50 -5.95
N CYS A 5 0.82 1.81 -4.78
CA CYS A 5 -0.63 1.97 -4.59
C CYS A 5 -1.13 3.27 -5.20
N SER A 6 -2.42 3.33 -5.44
CA SER A 6 -3.03 4.53 -6.02
C SER A 6 -4.08 5.11 -5.06
N LEU A 7 -4.00 4.72 -3.79
CA LEU A 7 -4.95 5.21 -2.79
C LEU A 7 -4.29 6.24 -1.88
N PRO A 8 -5.06 7.27 -1.45
CA PRO A 8 -4.54 8.32 -0.56
C PRO A 8 -4.51 7.88 0.90
N HIS A 9 -5.11 6.72 1.17
CA HIS A 9 -5.14 6.19 2.53
C HIS A 9 -3.83 5.49 2.87
N CYS A 10 -3.41 4.60 1.99
CA CYS A 10 -2.16 3.86 2.18
C CYS A 10 -0.96 4.79 2.14
N ARG A 11 -1.11 5.92 1.46
CA ARG A 11 -0.04 6.90 1.37
C ARG A 11 0.14 7.65 2.69
N THR A 12 0.90 7.05 3.59
CA THR A 12 1.15 7.66 4.90
C THR A 12 2.59 7.41 5.34
N MET A 13 2.81 6.35 6.13
CA MET A 13 4.14 6.01 6.61
C MET A 13 4.72 4.88 5.77
N LYS A 14 4.17 4.70 4.56
CA LYS A 14 4.61 3.65 3.65
C LYS A 14 4.58 2.28 4.32
N ASN A 15 3.64 2.11 5.25
CA ASN A 15 3.49 0.86 5.96
C ASN A 15 3.01 -0.24 5.01
N VAL A 16 3.92 -0.73 4.18
CA VAL A 16 3.61 -1.78 3.21
C VAL A 16 2.79 -2.90 3.84
N LEU A 17 3.13 -3.27 5.07
CA LEU A 17 2.42 -4.33 5.77
C LEU A 17 0.95 -3.97 5.94
N ASN A 18 0.69 -2.69 6.15
CA ASN A 18 -0.67 -2.19 6.32
C ASN A 18 -1.38 -2.14 4.98
N HIS A 19 -0.63 -1.81 3.93
CA HIS A 19 -1.18 -1.70 2.58
C HIS A 19 -1.45 -3.08 1.99
N MET A 20 -0.40 -3.88 1.88
CA MET A 20 -0.53 -5.23 1.31
C MET A 20 -1.58 -6.05 2.06
N THR A 21 -1.86 -5.66 3.30
CA THR A 21 -2.84 -6.36 4.12
C THR A 21 -4.26 -6.15 3.58
N HIS A 22 -4.45 -5.10 2.78
CA HIS A 22 -5.77 -4.81 2.21
C HIS A 22 -5.70 -4.53 0.71
N CYS A 23 -4.50 -4.41 0.18
CA CYS A 23 -4.32 -4.10 -1.22
C CYS A 23 -3.64 -5.25 -1.96
N GLN A 24 -3.49 -5.10 -3.27
CA GLN A 24 -2.84 -6.13 -4.09
C GLN A 24 -1.83 -5.51 -5.04
N ALA A 25 -1.14 -6.36 -5.79
CA ALA A 25 -0.13 -5.91 -6.75
C ALA A 25 1.21 -5.67 -6.08
N GLY A 26 2.10 -6.66 -6.17
CA GLY A 26 3.41 -6.54 -5.56
C GLY A 26 4.00 -7.88 -5.20
N LYS A 27 3.94 -8.83 -6.13
CA LYS A 27 4.48 -10.17 -5.91
C LYS A 27 3.79 -10.84 -4.73
N GLU A 1 2.81 -2.92 -3.02
CA GLU A 1 3.58 -1.89 -2.28
C GLU A 1 2.84 -0.57 -2.22
N VAL A 2 2.81 0.02 -1.02
CA VAL A 2 2.13 1.29 -0.82
C VAL A 2 2.67 2.37 -1.74
N ARG A 3 3.96 2.28 -2.07
CA ARG A 3 4.59 3.25 -2.96
C ARG A 3 4.03 3.14 -4.37
N ALA A 4 3.56 1.96 -4.73
CA ALA A 4 2.99 1.74 -6.06
C ALA A 4 1.47 1.84 -6.05
N CYS A 5 0.90 2.09 -4.88
CA CYS A 5 -0.55 2.22 -4.75
C CYS A 5 -1.02 3.56 -5.29
N SER A 6 -2.31 3.64 -5.59
CA SER A 6 -2.90 4.88 -6.10
C SER A 6 -3.99 5.39 -5.16
N LEU A 7 -3.96 4.92 -3.92
CA LEU A 7 -4.96 5.32 -2.92
C LEU A 7 -4.38 6.31 -1.92
N PRO A 8 -5.02 7.48 -1.73
CA PRO A 8 -4.55 8.50 -0.79
C PRO A 8 -4.54 7.99 0.65
N HIS A 9 -5.24 6.89 0.90
CA HIS A 9 -5.32 6.30 2.23
C HIS A 9 -4.00 5.62 2.59
N CYS A 10 -3.59 4.69 1.74
CA CYS A 10 -2.36 3.95 1.94
C CYS A 10 -1.16 4.90 1.95
N ARG A 11 -1.31 6.05 1.31
CA ARG A 11 -0.25 7.04 1.26
C ARG A 11 -0.14 7.79 2.58
N THR A 12 0.59 7.20 3.53
CA THR A 12 0.76 7.80 4.84
C THR A 12 2.25 7.93 5.20
N MET A 13 2.84 6.83 5.66
CA MET A 13 4.25 6.83 6.03
C MET A 13 5.00 5.70 5.31
N LYS A 14 4.37 5.14 4.28
CA LYS A 14 4.96 4.05 3.50
C LYS A 14 4.75 2.70 4.19
N ASN A 15 3.74 2.64 5.06
CA ASN A 15 3.43 1.40 5.77
C ASN A 15 2.96 0.32 4.81
N VAL A 16 3.90 -0.26 4.08
CA VAL A 16 3.59 -1.30 3.11
C VAL A 16 2.75 -2.42 3.74
N LEU A 17 3.06 -2.76 4.98
CA LEU A 17 2.33 -3.81 5.68
C LEU A 17 0.85 -3.46 5.79
N ASN A 18 0.58 -2.18 5.96
CA ASN A 18 -0.79 -1.69 6.07
C ASN A 18 -1.48 -1.68 4.70
N HIS A 19 -0.69 -1.46 3.66
CA HIS A 19 -1.21 -1.41 2.30
C HIS A 19 -1.43 -2.82 1.76
N MET A 20 -0.38 -3.61 1.70
CA MET A 20 -0.47 -4.98 1.19
C MET A 20 -1.52 -5.79 1.95
N THR A 21 -1.83 -5.35 3.16
CA THR A 21 -2.83 -6.04 3.98
C THR A 21 -4.24 -5.91 3.39
N HIS A 22 -4.43 -4.90 2.53
CA HIS A 22 -5.74 -4.68 1.92
C HIS A 22 -5.64 -4.46 0.41
N CYS A 23 -4.43 -4.24 -0.08
CA CYS A 23 -4.22 -3.98 -1.48
C CYS A 23 -3.48 -5.13 -2.15
N GLN A 24 -3.19 -4.99 -3.44
CA GLN A 24 -2.48 -6.01 -4.19
C GLN A 24 -1.71 -5.40 -5.35
N ALA A 25 -0.40 -5.67 -5.39
CA ALA A 25 0.46 -5.14 -6.44
C ALA A 25 1.88 -5.68 -6.30
N GLY A 26 2.09 -6.92 -6.72
CA GLY A 26 3.41 -7.52 -6.63
C GLY A 26 3.43 -8.94 -7.16
N LYS A 27 3.89 -9.87 -6.33
CA LYS A 27 3.97 -11.27 -6.72
C LYS A 27 2.59 -11.83 -7.05
N GLU A 1 2.34 -3.11 -3.26
CA GLU A 1 3.19 -2.16 -2.50
C GLU A 1 2.51 -0.79 -2.36
N VAL A 2 2.51 -0.29 -1.13
CA VAL A 2 1.90 1.00 -0.83
C VAL A 2 2.48 2.11 -1.69
N ARG A 3 3.77 1.99 -2.01
CA ARG A 3 4.45 2.98 -2.84
C ARG A 3 3.87 3.02 -4.25
N ALA A 4 3.31 1.89 -4.68
CA ALA A 4 2.73 1.80 -6.01
C ALA A 4 1.20 1.92 -5.96
N CYS A 5 0.66 2.13 -4.77
CA CYS A 5 -0.79 2.26 -4.60
C CYS A 5 -1.26 3.63 -5.11
N SER A 6 -2.55 3.72 -5.39
CA SER A 6 -3.15 4.96 -5.88
C SER A 6 -4.19 5.48 -4.90
N LEU A 7 -4.16 4.97 -3.66
CA LEU A 7 -5.11 5.39 -2.63
C LEU A 7 -4.46 6.32 -1.63
N PRO A 8 -5.22 7.32 -1.12
CA PRO A 8 -4.71 8.27 -0.13
C PRO A 8 -4.71 7.70 1.28
N HIS A 9 -5.27 6.50 1.44
CA HIS A 9 -5.32 5.85 2.73
C HIS A 9 -4.02 5.11 3.03
N CYS A 10 -3.56 4.34 2.06
CA CYS A 10 -2.34 3.57 2.20
C CYS A 10 -1.12 4.48 2.19
N ARG A 11 -1.23 5.60 1.48
CA ARG A 11 -0.14 6.55 1.37
C ARG A 11 0.00 7.34 2.68
N THR A 12 0.72 6.76 3.63
CA THR A 12 0.93 7.41 4.93
C THR A 12 2.40 7.39 5.32
N MET A 13 2.86 6.25 5.85
CA MET A 13 4.24 6.10 6.27
C MET A 13 4.96 5.05 5.43
N LYS A 14 4.28 4.54 4.39
CA LYS A 14 4.84 3.53 3.50
C LYS A 14 4.74 2.13 4.11
N ASN A 15 3.83 1.98 5.07
CA ASN A 15 3.62 0.69 5.72
C ASN A 15 3.04 -0.32 4.74
N VAL A 16 3.89 -0.82 3.85
CA VAL A 16 3.47 -1.80 2.85
C VAL A 16 2.71 -2.96 3.49
N LEU A 17 3.09 -3.33 4.71
CA LEU A 17 2.44 -4.42 5.41
C LEU A 17 0.95 -4.15 5.56
N ASN A 18 0.62 -2.88 5.76
CA ASN A 18 -0.77 -2.46 5.91
C ASN A 18 -1.47 -2.45 4.56
N HIS A 19 -0.74 -2.05 3.53
CA HIS A 19 -1.29 -1.99 2.18
C HIS A 19 -1.37 -3.38 1.57
N MET A 20 -0.56 -4.31 2.08
CA MET A 20 -0.56 -5.67 1.57
C MET A 20 -1.60 -6.54 2.28
N THR A 21 -2.55 -5.90 2.95
CA THR A 21 -3.59 -6.62 3.66
C THR A 21 -4.98 -6.27 3.10
N HIS A 22 -5.03 -5.32 2.16
CA HIS A 22 -6.30 -4.92 1.56
C HIS A 22 -6.17 -4.60 0.07
N CYS A 23 -4.95 -4.34 -0.38
CA CYS A 23 -4.72 -3.99 -1.76
C CYS A 23 -4.05 -5.14 -2.51
N GLN A 24 -4.08 -5.06 -3.84
CA GLN A 24 -3.47 -6.09 -4.68
C GLN A 24 -1.96 -5.88 -4.79
N ALA A 25 -1.21 -6.97 -4.75
CA ALA A 25 0.25 -6.90 -4.86
C ALA A 25 0.86 -8.29 -4.93
N GLY A 26 1.55 -8.57 -6.02
CA GLY A 26 2.18 -9.87 -6.19
C GLY A 26 3.67 -9.83 -5.97
N LYS A 27 4.12 -8.91 -5.12
CA LYS A 27 5.53 -8.77 -4.82
C LYS A 27 5.75 -8.05 -3.50
N GLU A 1 2.92 -3.09 -2.77
CA GLU A 1 3.61 -1.97 -2.07
C GLU A 1 2.74 -0.72 -2.04
N VAL A 2 2.69 -0.09 -0.87
CA VAL A 2 1.90 1.12 -0.70
C VAL A 2 2.41 2.25 -1.59
N ARG A 3 3.72 2.33 -1.73
CA ARG A 3 4.34 3.37 -2.56
C ARG A 3 3.84 3.27 -4.00
N ALA A 4 3.46 2.08 -4.42
CA ALA A 4 2.96 1.86 -5.77
C ALA A 4 1.43 1.87 -5.82
N CYS A 5 0.80 2.11 -4.67
CA CYS A 5 -0.65 2.14 -4.60
C CYS A 5 -1.20 3.44 -5.21
N SER A 6 -2.48 3.42 -5.56
CA SER A 6 -3.12 4.59 -6.14
C SER A 6 -4.19 5.15 -5.20
N LEU A 7 -4.15 4.74 -3.94
CA LEU A 7 -5.11 5.21 -2.94
C LEU A 7 -4.48 6.23 -2.00
N PRO A 8 -5.25 7.25 -1.58
CA PRO A 8 -4.76 8.28 -0.68
C PRO A 8 -4.81 7.84 0.79
N HIS A 9 -5.23 6.61 1.02
CA HIS A 9 -5.32 6.07 2.38
C HIS A 9 -4.05 5.34 2.76
N CYS A 10 -3.56 4.51 1.85
CA CYS A 10 -2.35 3.73 2.08
C CYS A 10 -1.13 4.65 2.11
N ARG A 11 -1.15 5.69 1.28
CA ARG A 11 -0.04 6.63 1.22
C ARG A 11 0.03 7.48 2.49
N THR A 12 0.68 6.94 3.51
CA THR A 12 0.82 7.63 4.79
C THR A 12 2.26 7.62 5.28
N MET A 13 2.66 6.52 5.90
CA MET A 13 4.02 6.38 6.42
C MET A 13 4.79 5.32 5.64
N LYS A 14 4.18 4.80 4.58
CA LYS A 14 4.79 3.77 3.74
C LYS A 14 4.64 2.38 4.36
N ASN A 15 3.67 2.23 5.25
CA ASN A 15 3.41 0.96 5.90
C ASN A 15 2.92 -0.08 4.89
N VAL A 16 3.84 -0.59 4.09
CA VAL A 16 3.52 -1.59 3.08
C VAL A 16 2.70 -2.74 3.66
N LEU A 17 3.04 -3.15 4.88
CA LEU A 17 2.33 -4.25 5.54
C LEU A 17 0.86 -3.91 5.70
N ASN A 18 0.58 -2.64 5.93
CA ASN A 18 -0.80 -2.18 6.09
C ASN A 18 -1.51 -2.10 4.75
N HIS A 19 -0.74 -1.83 3.70
CA HIS A 19 -1.30 -1.72 2.35
C HIS A 19 -1.54 -3.11 1.75
N MET A 20 -0.47 -3.90 1.63
CA MET A 20 -0.58 -5.23 1.06
C MET A 20 -1.63 -6.07 1.80
N THR A 21 -1.92 -5.70 3.04
CA THR A 21 -2.90 -6.42 3.84
C THR A 21 -4.32 -6.21 3.30
N HIS A 22 -4.52 -5.16 2.50
CA HIS A 22 -5.83 -4.89 1.94
C HIS A 22 -5.77 -4.59 0.45
N CYS A 23 -4.57 -4.45 -0.09
CA CYS A 23 -4.40 -4.13 -1.49
C CYS A 23 -3.70 -5.26 -2.23
N GLN A 24 -4.12 -5.51 -3.46
CA GLN A 24 -3.53 -6.57 -4.28
C GLN A 24 -2.53 -5.99 -5.28
N ALA A 25 -1.87 -6.87 -6.03
CA ALA A 25 -0.89 -6.46 -7.04
C ALA A 25 0.48 -6.25 -6.40
N GLY A 26 0.80 -7.08 -5.41
CA GLY A 26 2.08 -6.97 -4.73
C GLY A 26 3.20 -7.64 -5.50
N LYS A 27 3.55 -8.87 -5.09
CA LYS A 27 4.60 -9.62 -5.74
C LYS A 27 4.42 -11.12 -5.51
N GLU A 1 2.57 -2.88 -3.14
CA GLU A 1 3.40 -1.81 -2.51
C GLU A 1 2.63 -0.51 -2.40
N VAL A 2 2.74 0.14 -1.25
CA VAL A 2 2.04 1.40 -1.00
C VAL A 2 2.57 2.50 -1.91
N ARG A 3 3.84 2.40 -2.28
CA ARG A 3 4.45 3.40 -3.16
C ARG A 3 3.83 3.37 -4.54
N ALA A 4 3.31 2.21 -4.93
CA ALA A 4 2.67 2.05 -6.24
C ALA A 4 1.15 2.16 -6.15
N CYS A 5 0.64 2.41 -4.95
CA CYS A 5 -0.80 2.53 -4.75
C CYS A 5 -1.30 3.87 -5.27
N SER A 6 -2.61 3.95 -5.52
CA SER A 6 -3.21 5.18 -6.00
C SER A 6 -4.26 5.69 -5.02
N LEU A 7 -4.18 5.23 -3.77
CA LEU A 7 -5.13 5.65 -2.74
C LEU A 7 -4.48 6.62 -1.76
N PRO A 8 -5.25 7.61 -1.28
CA PRO A 8 -4.75 8.62 -0.34
C PRO A 8 -4.70 8.09 1.09
N HIS A 9 -5.27 6.91 1.31
CA HIS A 9 -5.30 6.29 2.63
C HIS A 9 -3.98 5.59 2.93
N CYS A 10 -3.55 4.76 1.99
CA CYS A 10 -2.31 4.03 2.13
C CYS A 10 -1.11 4.97 2.14
N ARG A 11 -1.27 6.13 1.52
CA ARG A 11 -0.20 7.12 1.47
C ARG A 11 -0.01 7.78 2.83
N THR A 12 0.77 7.14 3.70
CA THR A 12 1.02 7.66 5.03
C THR A 12 2.47 7.38 5.45
N MET A 13 2.69 6.28 6.17
CA MET A 13 4.02 5.91 6.61
C MET A 13 4.59 4.82 5.70
N LYS A 14 4.04 4.71 4.50
CA LYS A 14 4.46 3.72 3.52
C LYS A 14 4.44 2.32 4.12
N ASN A 15 3.51 2.09 5.04
CA ASN A 15 3.37 0.79 5.67
C ASN A 15 2.88 -0.25 4.67
N VAL A 16 3.79 -0.69 3.81
CA VAL A 16 3.47 -1.68 2.79
C VAL A 16 2.65 -2.84 3.34
N LEU A 17 3.01 -3.28 4.55
CA LEU A 17 2.30 -4.38 5.19
C LEU A 17 0.82 -4.04 5.38
N ASN A 18 0.57 -2.77 5.68
CA ASN A 18 -0.79 -2.28 5.88
C ASN A 18 -1.51 -2.13 4.55
N HIS A 19 -0.76 -1.75 3.52
CA HIS A 19 -1.32 -1.56 2.19
C HIS A 19 -1.59 -2.91 1.52
N MET A 20 -0.55 -3.70 1.34
CA MET A 20 -0.68 -5.01 0.70
C MET A 20 -1.73 -5.86 1.41
N THR A 21 -2.00 -5.56 2.67
CA THR A 21 -2.98 -6.30 3.45
C THR A 21 -4.40 -6.07 2.93
N HIS A 22 -4.60 -4.98 2.19
CA HIS A 22 -5.91 -4.66 1.65
C HIS A 22 -5.87 -4.29 0.17
N CYS A 23 -4.67 -4.10 -0.35
CA CYS A 23 -4.50 -3.72 -1.73
C CYS A 23 -3.83 -4.82 -2.54
N GLN A 24 -2.97 -5.59 -1.88
CA GLN A 24 -2.25 -6.70 -2.52
C GLN A 24 -1.65 -6.26 -3.86
N ALA A 25 -1.16 -7.23 -4.63
CA ALA A 25 -0.56 -6.97 -5.94
C ALA A 25 0.91 -6.58 -5.79
N GLY A 26 1.76 -7.57 -5.55
CA GLY A 26 3.18 -7.32 -5.39
C GLY A 26 4.03 -8.43 -5.94
N LYS A 27 4.04 -9.57 -5.25
CA LYS A 27 4.82 -10.73 -5.68
C LYS A 27 4.45 -11.96 -4.87
N GLU A 1 3.11 -2.86 -2.77
CA GLU A 1 3.82 -1.75 -2.07
C GLU A 1 2.96 -0.51 -1.98
N VAL A 2 2.97 0.13 -0.82
CA VAL A 2 2.19 1.33 -0.58
C VAL A 2 2.68 2.48 -1.46
N ARG A 3 3.98 2.48 -1.75
CA ARG A 3 4.56 3.53 -2.58
C ARG A 3 4.06 3.44 -4.02
N ALA A 4 3.69 2.22 -4.43
CA ALA A 4 3.20 2.00 -5.79
C ALA A 4 1.67 1.98 -5.83
N CYS A 5 1.04 2.26 -4.68
CA CYS A 5 -0.42 2.28 -4.62
C CYS A 5 -0.97 3.54 -5.26
N SER A 6 -2.25 3.51 -5.61
CA SER A 6 -2.91 4.65 -6.22
C SER A 6 -4.08 5.14 -5.36
N LEU A 7 -4.07 4.76 -4.08
CA LEU A 7 -5.13 5.16 -3.16
C LEU A 7 -4.65 6.26 -2.22
N PRO A 8 -5.55 7.21 -1.87
CA PRO A 8 -5.22 8.31 -0.97
C PRO A 8 -5.43 7.94 0.49
N HIS A 9 -4.97 6.75 0.87
CA HIS A 9 -5.11 6.26 2.24
C HIS A 9 -3.84 5.56 2.69
N CYS A 10 -3.34 4.68 1.83
CA CYS A 10 -2.14 3.91 2.13
C CYS A 10 -0.92 4.81 2.18
N ARG A 11 -0.89 5.83 1.32
CA ARG A 11 0.23 6.76 1.27
C ARG A 11 0.27 7.62 2.54
N THR A 12 0.89 7.08 3.58
CA THR A 12 0.99 7.78 4.86
C THR A 12 2.43 7.76 5.38
N MET A 13 2.81 6.67 6.04
CA MET A 13 4.15 6.51 6.58
C MET A 13 4.94 5.47 5.81
N LYS A 14 4.36 4.99 4.70
CA LYS A 14 4.99 3.98 3.86
C LYS A 14 4.86 2.58 4.46
N ASN A 15 3.85 2.41 5.31
CA ASN A 15 3.60 1.13 5.95
C ASN A 15 3.15 0.09 4.93
N VAL A 16 4.09 -0.40 4.13
CA VAL A 16 3.81 -1.39 3.10
C VAL A 16 3.03 -2.57 3.66
N LEU A 17 3.27 -2.89 4.93
CA LEU A 17 2.60 -4.00 5.59
C LEU A 17 1.11 -3.71 5.74
N ASN A 18 0.79 -2.45 5.99
CA ASN A 18 -0.60 -2.03 6.15
C ASN A 18 -1.31 -1.96 4.80
N HIS A 19 -0.54 -1.63 3.76
CA HIS A 19 -1.09 -1.52 2.42
C HIS A 19 -1.37 -2.90 1.82
N MET A 20 -0.34 -3.72 1.71
CA MET A 20 -0.49 -5.06 1.14
C MET A 20 -1.57 -5.86 1.88
N THR A 21 -1.85 -5.47 3.12
CA THR A 21 -2.86 -6.15 3.93
C THR A 21 -4.24 -5.99 3.32
N HIS A 22 -4.43 -4.93 2.55
CA HIS A 22 -5.73 -4.66 1.93
C HIS A 22 -5.60 -4.41 0.42
N CYS A 23 -4.38 -4.24 -0.05
CA CYS A 23 -4.15 -3.97 -1.45
C CYS A 23 -3.41 -5.12 -2.13
N GLN A 24 -3.74 -5.36 -3.40
CA GLN A 24 -3.11 -6.43 -4.16
C GLN A 24 -2.33 -5.87 -5.34
N ALA A 25 -1.70 -6.77 -6.11
CA ALA A 25 -0.91 -6.38 -7.27
C ALA A 25 0.51 -6.01 -6.87
N GLY A 26 1.38 -7.01 -6.76
CA GLY A 26 2.75 -6.76 -6.39
C GLY A 26 3.61 -8.00 -6.46
N LYS A 27 3.53 -8.84 -5.42
CA LYS A 27 4.30 -10.07 -5.37
C LYS A 27 3.42 -11.25 -4.98
N GLU A 1 2.65 -2.99 -3.08
CA GLU A 1 3.48 -1.98 -2.37
C GLU A 1 2.72 -0.68 -2.17
N VAL A 2 2.79 -0.14 -0.96
CA VAL A 2 2.11 1.10 -0.63
C VAL A 2 2.58 2.24 -1.53
N ARG A 3 3.89 2.32 -1.73
CA ARG A 3 4.47 3.37 -2.56
C ARG A 3 3.95 3.28 -3.99
N ALA A 4 3.59 2.06 -4.41
CA ALA A 4 3.08 1.84 -5.76
C ALA A 4 1.56 1.84 -5.78
N CYS A 5 0.93 2.11 -4.64
CA CYS A 5 -0.51 2.15 -4.55
C CYS A 5 -1.07 3.42 -5.17
N SER A 6 -2.35 3.41 -5.49
CA SER A 6 -3.01 4.57 -6.08
C SER A 6 -4.15 5.06 -5.19
N LEU A 7 -4.13 4.66 -3.92
CA LEU A 7 -5.17 5.07 -2.99
C LEU A 7 -4.67 6.15 -2.02
N PRO A 8 -5.54 7.10 -1.66
CA PRO A 8 -5.18 8.19 -0.74
C PRO A 8 -5.37 7.80 0.72
N HIS A 9 -4.93 6.60 1.07
CA HIS A 9 -5.04 6.09 2.44
C HIS A 9 -3.78 5.36 2.86
N CYS A 10 -3.31 4.49 1.98
CA CYS A 10 -2.11 3.69 2.24
C CYS A 10 -0.88 4.58 2.28
N ARG A 11 -0.90 5.67 1.52
CA ARG A 11 0.22 6.60 1.49
C ARG A 11 0.30 7.41 2.77
N THR A 12 0.94 6.84 3.78
CA THR A 12 1.08 7.49 5.08
C THR A 12 2.53 7.45 5.56
N MET A 13 2.93 6.32 6.14
CA MET A 13 4.29 6.16 6.65
C MET A 13 5.05 5.12 5.82
N LYS A 14 4.43 4.64 4.74
CA LYS A 14 5.04 3.65 3.86
C LYS A 14 4.88 2.23 4.44
N ASN A 15 3.91 2.06 5.33
CA ASN A 15 3.66 0.77 5.95
C ASN A 15 3.17 -0.23 4.91
N VAL A 16 4.10 -0.73 4.09
CA VAL A 16 3.76 -1.69 3.05
C VAL A 16 2.98 -2.87 3.61
N LEU A 17 3.25 -3.23 4.85
CA LEU A 17 2.56 -4.33 5.50
C LEU A 17 1.08 -4.03 5.68
N ASN A 18 0.79 -2.76 5.95
CA ASN A 18 -0.59 -2.32 6.14
C ASN A 18 -1.32 -2.21 4.81
N HIS A 19 -0.57 -1.89 3.76
CA HIS A 19 -1.14 -1.76 2.43
C HIS A 19 -1.46 -3.11 1.82
N MET A 20 -0.44 -3.96 1.69
CA MET A 20 -0.63 -5.29 1.10
C MET A 20 -1.70 -6.07 1.86
N THR A 21 -1.95 -5.70 3.11
CA THR A 21 -2.95 -6.38 3.91
C THR A 21 -4.35 -6.19 3.33
N HIS A 22 -4.53 -5.11 2.58
CA HIS A 22 -5.83 -4.81 1.98
C HIS A 22 -5.73 -4.56 0.48
N CYS A 23 -4.51 -4.39 -0.02
CA CYS A 23 -4.31 -4.10 -1.41
C CYS A 23 -3.61 -5.26 -2.12
N GLN A 24 -3.99 -5.51 -3.36
CA GLN A 24 -3.40 -6.59 -4.15
C GLN A 24 -2.30 -6.06 -5.07
N ALA A 25 -1.63 -6.97 -5.76
CA ALA A 25 -0.55 -6.61 -6.68
C ALA A 25 0.78 -6.45 -5.94
N GLY A 26 1.74 -7.30 -6.27
CA GLY A 26 3.04 -7.22 -5.62
C GLY A 26 3.92 -8.41 -5.96
N LYS A 27 4.08 -9.32 -5.00
CA LYS A 27 4.90 -10.51 -5.19
C LYS A 27 4.17 -11.76 -4.73
N GLU A 1 2.75 -3.52 -2.74
CA GLU A 1 3.59 -2.47 -2.11
C GLU A 1 2.93 -1.10 -2.20
N VAL A 2 2.97 -0.37 -1.09
CA VAL A 2 2.36 0.95 -1.02
C VAL A 2 2.97 1.89 -2.07
N ARG A 3 4.28 1.76 -2.28
CA ARG A 3 4.98 2.59 -3.25
C ARG A 3 4.37 2.47 -4.63
N ALA A 4 3.67 1.35 -4.88
CA ALA A 4 3.04 1.12 -6.16
C ALA A 4 1.52 1.31 -6.11
N CYS A 5 1.00 1.61 -4.92
CA CYS A 5 -0.43 1.83 -4.75
C CYS A 5 -0.84 3.18 -5.30
N SER A 6 -2.13 3.33 -5.56
CA SER A 6 -2.68 4.58 -6.07
C SER A 6 -3.75 5.13 -5.14
N LEU A 7 -3.74 4.67 -3.89
CA LEU A 7 -4.72 5.12 -2.90
C LEU A 7 -4.08 6.08 -1.89
N PRO A 8 -4.68 7.28 -1.72
CA PRO A 8 -4.17 8.28 -0.78
C PRO A 8 -4.16 7.78 0.66
N HIS A 9 -4.92 6.72 0.92
CA HIS A 9 -5.00 6.13 2.25
C HIS A 9 -3.71 5.40 2.60
N CYS A 10 -3.32 4.49 1.71
CA CYS A 10 -2.11 3.72 1.92
C CYS A 10 -0.86 4.60 1.87
N ARG A 11 -1.02 5.82 1.35
CA ARG A 11 0.09 6.76 1.27
C ARG A 11 0.25 7.56 2.55
N THR A 12 -0.21 7.01 3.67
CA THR A 12 -0.12 7.69 4.95
C THR A 12 1.35 7.83 5.38
N MET A 13 1.94 6.74 5.83
CA MET A 13 3.34 6.75 6.26
C MET A 13 4.17 5.76 5.44
N LYS A 14 3.54 5.14 4.44
CA LYS A 14 4.21 4.17 3.56
C LYS A 14 4.27 2.79 4.23
N ASN A 15 3.38 2.56 5.19
CA ASN A 15 3.32 1.28 5.88
C ASN A 15 2.93 0.16 4.92
N VAL A 16 3.89 -0.28 4.11
CA VAL A 16 3.66 -1.34 3.14
C VAL A 16 2.88 -2.51 3.73
N LEU A 17 3.24 -2.90 4.95
CA LEU A 17 2.57 -4.01 5.62
C LEU A 17 1.09 -3.73 5.79
N ASN A 18 0.76 -2.47 6.01
CA ASN A 18 -0.62 -2.05 6.18
C ASN A 18 -1.34 -2.00 4.84
N HIS A 19 -0.58 -1.73 3.78
CA HIS A 19 -1.15 -1.65 2.43
C HIS A 19 -1.43 -3.04 1.87
N MET A 20 -0.40 -3.88 1.79
CA MET A 20 -0.56 -5.23 1.26
C MET A 20 -1.63 -6.00 2.03
N THR A 21 -1.90 -5.58 3.26
CA THR A 21 -2.90 -6.23 4.09
C THR A 21 -4.30 -6.10 3.49
N HIS A 22 -4.50 -5.06 2.68
CA HIS A 22 -5.79 -4.84 2.04
C HIS A 22 -5.66 -4.66 0.52
N CYS A 23 -4.45 -4.43 0.05
CA CYS A 23 -4.22 -4.21 -1.35
C CYS A 23 -3.48 -5.40 -1.98
N GLN A 24 -3.09 -5.24 -3.23
CA GLN A 24 -2.38 -6.30 -3.95
C GLN A 24 -1.87 -5.80 -5.31
N ALA A 25 -0.59 -5.99 -5.55
CA ALA A 25 0.02 -5.56 -6.81
C ALA A 25 1.47 -6.01 -6.90
N GLY A 26 1.84 -6.59 -8.05
CA GLY A 26 3.20 -7.05 -8.24
C GLY A 26 3.35 -8.53 -7.96
N LYS A 27 3.29 -8.90 -6.69
CA LYS A 27 3.42 -10.30 -6.29
C LYS A 27 2.32 -10.68 -5.29
N GLU A 1 3.01 -3.10 -2.99
CA GLU A 1 3.72 -2.03 -2.23
C GLU A 1 2.91 -0.75 -2.21
N VAL A 2 2.79 -0.16 -1.02
CA VAL A 2 2.04 1.08 -0.84
C VAL A 2 2.60 2.19 -1.71
N ARG A 3 3.91 2.17 -1.92
CA ARG A 3 4.58 3.19 -2.73
C ARG A 3 4.04 3.17 -4.16
N ALA A 4 3.59 1.99 -4.61
CA ALA A 4 3.05 1.85 -5.96
C ALA A 4 1.52 1.91 -5.97
N CYS A 5 0.93 2.13 -4.79
CA CYS A 5 -0.52 2.21 -4.68
C CYS A 5 -1.04 3.54 -5.22
N SER A 6 -2.32 3.58 -5.55
CA SER A 6 -2.94 4.79 -6.06
C SER A 6 -4.05 5.27 -5.12
N LEU A 7 -4.01 4.82 -3.88
CA LEU A 7 -5.01 5.22 -2.89
C LEU A 7 -4.44 6.22 -1.89
N PRO A 8 -5.26 7.17 -1.43
CA PRO A 8 -4.83 8.19 -0.46
C PRO A 8 -4.80 7.65 0.97
N HIS A 9 -5.38 6.46 1.16
CA HIS A 9 -5.42 5.84 2.48
C HIS A 9 -4.08 5.18 2.80
N CYS A 10 -3.64 4.30 1.92
CA CYS A 10 -2.38 3.59 2.08
C CYS A 10 -1.22 4.58 2.15
N ARG A 11 -1.39 5.74 1.52
CA ARG A 11 -0.35 6.77 1.53
C ARG A 11 -0.22 7.39 2.91
N THR A 12 0.57 6.76 3.77
CA THR A 12 0.78 7.25 5.13
C THR A 12 2.27 7.44 5.42
N MET A 13 2.96 6.35 5.73
CA MET A 13 4.38 6.40 6.03
C MET A 13 5.14 5.32 5.28
N LYS A 14 4.51 4.77 4.23
CA LYS A 14 5.11 3.71 3.42
C LYS A 14 4.96 2.34 4.09
N ASN A 15 4.02 2.24 5.03
CA ASN A 15 3.79 0.99 5.73
C ASN A 15 3.23 -0.07 4.79
N VAL A 16 4.08 -0.62 3.93
CA VAL A 16 3.67 -1.63 2.97
C VAL A 16 2.90 -2.76 3.64
N LEU A 17 3.25 -3.06 4.88
CA LEU A 17 2.57 -4.11 5.63
C LEU A 17 1.08 -3.84 5.72
N ASN A 18 0.74 -2.57 5.84
CA ASN A 18 -0.66 -2.15 5.93
C ASN A 18 -1.32 -2.21 4.55
N HIS A 19 -0.56 -1.85 3.53
CA HIS A 19 -1.06 -1.87 2.16
C HIS A 19 -1.10 -3.28 1.61
N MET A 20 -0.32 -4.18 2.21
CA MET A 20 -0.28 -5.56 1.77
C MET A 20 -1.31 -6.42 2.50
N THR A 21 -2.30 -5.76 3.10
CA THR A 21 -3.35 -6.46 3.82
C THR A 21 -4.72 -6.19 3.19
N HIS A 22 -4.77 -5.30 2.19
CA HIS A 22 -6.03 -4.96 1.53
C HIS A 22 -5.84 -4.73 0.03
N CYS A 23 -4.63 -4.40 -0.38
CA CYS A 23 -4.35 -4.12 -1.77
C CYS A 23 -3.62 -5.28 -2.43
N GLN A 24 -3.96 -5.55 -3.69
CA GLN A 24 -3.34 -6.62 -4.44
C GLN A 24 -2.19 -6.11 -5.29
N ALA A 25 -1.47 -7.03 -5.94
CA ALA A 25 -0.34 -6.69 -6.81
C ALA A 25 0.95 -6.53 -5.98
N GLY A 26 2.06 -6.97 -6.56
CA GLY A 26 3.33 -6.86 -5.87
C GLY A 26 3.68 -8.14 -5.12
N LYS A 27 3.69 -9.26 -5.84
CA LYS A 27 4.03 -10.55 -5.23
C LYS A 27 3.03 -10.90 -4.12
N GLU A 1 2.89 -3.68 -2.85
CA GLU A 1 3.71 -2.57 -2.29
C GLU A 1 2.94 -1.26 -2.30
N VAL A 2 3.07 -0.52 -1.21
CA VAL A 2 2.39 0.76 -1.08
C VAL A 2 2.91 1.78 -2.09
N ARG A 3 4.22 1.77 -2.29
CA ARG A 3 4.86 2.69 -3.23
C ARG A 3 4.24 2.56 -4.63
N ALA A 4 3.63 1.42 -4.91
CA ALA A 4 3.01 1.18 -6.21
C ALA A 4 1.49 1.37 -6.15
N CYS A 5 0.98 1.69 -4.97
CA CYS A 5 -0.46 1.89 -4.80
C CYS A 5 -0.89 3.23 -5.38
N SER A 6 -2.19 3.37 -5.64
CA SER A 6 -2.73 4.61 -6.17
C SER A 6 -3.76 5.21 -5.23
N LEU A 7 -3.75 4.75 -3.97
CA LEU A 7 -4.70 5.25 -2.97
C LEU A 7 -4.01 6.20 -1.99
N PRO A 8 -4.74 7.23 -1.51
CA PRO A 8 -4.20 8.20 -0.56
C PRO A 8 -4.19 7.67 0.87
N HIS A 9 -4.89 6.56 1.09
CA HIS A 9 -4.96 5.95 2.42
C HIS A 9 -3.66 5.20 2.72
N CYS A 10 -3.27 4.34 1.80
CA CYS A 10 -2.06 3.55 1.95
C CYS A 10 -0.82 4.43 1.94
N ARG A 11 -0.97 5.68 1.47
CA ARG A 11 0.14 6.61 1.40
C ARG A 11 0.33 7.36 2.74
N THR A 12 -0.12 6.74 3.82
CA THR A 12 0.01 7.36 5.15
C THR A 12 1.47 7.48 5.55
N MET A 13 2.07 6.35 5.92
CA MET A 13 3.48 6.32 6.32
C MET A 13 4.28 5.36 5.46
N LYS A 14 3.63 4.79 4.44
CA LYS A 14 4.27 3.84 3.53
C LYS A 14 4.33 2.44 4.13
N ASN A 15 3.45 2.17 5.09
CA ASN A 15 3.39 0.87 5.74
C ASN A 15 2.97 -0.20 4.75
N VAL A 16 3.91 -0.62 3.92
CA VAL A 16 3.64 -1.65 2.90
C VAL A 16 2.84 -2.81 3.47
N LEU A 17 3.23 -3.27 4.65
CA LEU A 17 2.55 -4.39 5.29
C LEU A 17 1.07 -4.09 5.49
N ASN A 18 0.77 -2.83 5.77
CA ASN A 18 -0.61 -2.39 5.97
C ASN A 18 -1.34 -2.27 4.64
N HIS A 19 -0.59 -1.98 3.58
CA HIS A 19 -1.16 -1.83 2.25
C HIS A 19 -1.49 -3.20 1.64
N MET A 20 -0.48 -4.06 1.51
CA MET A 20 -0.68 -5.38 0.94
C MET A 20 -1.75 -6.17 1.69
N THR A 21 -1.99 -5.78 2.94
CA THR A 21 -2.99 -6.44 3.77
C THR A 21 -4.39 -6.29 3.16
N HIS A 22 -4.59 -5.22 2.40
CA HIS A 22 -5.88 -4.96 1.78
C HIS A 22 -5.76 -4.74 0.28
N CYS A 23 -4.56 -4.46 -0.19
CA CYS A 23 -4.33 -4.20 -1.60
C CYS A 23 -3.63 -5.39 -2.27
N GLN A 24 -4.32 -6.00 -3.23
CA GLN A 24 -3.76 -7.14 -3.96
C GLN A 24 -2.67 -6.70 -4.92
N ALA A 25 -2.17 -7.65 -5.71
CA ALA A 25 -1.11 -7.37 -6.68
C ALA A 25 -0.10 -6.34 -6.16
N GLY A 26 0.94 -6.82 -5.50
CA GLY A 26 1.95 -5.92 -4.97
C GLY A 26 3.36 -6.36 -5.30
N LYS A 27 3.62 -7.66 -5.16
CA LYS A 27 4.93 -8.21 -5.45
C LYS A 27 4.81 -9.55 -6.17
N GLU A 1 2.97 -3.12 -2.91
CA GLU A 1 3.68 -2.03 -2.19
C GLU A 1 2.85 -0.75 -2.16
N VAL A 2 2.79 -0.14 -0.98
CA VAL A 2 2.02 1.09 -0.81
C VAL A 2 2.56 2.21 -1.70
N ARG A 3 3.87 2.20 -1.93
CA ARG A 3 4.50 3.20 -2.77
C ARG A 3 3.96 3.15 -4.20
N ALA A 4 3.54 1.96 -4.62
CA ALA A 4 3.00 1.78 -5.97
C ALA A 4 1.48 1.85 -5.98
N CYS A 5 0.89 2.10 -4.81
CA CYS A 5 -0.57 2.20 -4.70
C CYS A 5 -1.07 3.52 -5.26
N SER A 6 -2.35 3.57 -5.59
CA SER A 6 -2.97 4.78 -6.12
C SER A 6 -4.05 5.30 -5.18
N LEU A 7 -4.02 4.87 -3.93
CA LEU A 7 -5.00 5.30 -2.94
C LEU A 7 -4.41 6.30 -1.96
N PRO A 8 -5.21 7.29 -1.51
CA PRO A 8 -4.75 8.30 -0.56
C PRO A 8 -4.73 7.78 0.87
N HIS A 9 -5.30 6.60 1.09
CA HIS A 9 -5.35 6.00 2.41
C HIS A 9 -4.02 5.32 2.75
N CYS A 10 -3.59 4.45 1.85
CA CYS A 10 -2.34 3.71 2.03
C CYS A 10 -1.16 4.67 2.07
N ARG A 11 -1.29 5.80 1.39
CA ARG A 11 -0.23 6.80 1.34
C ARG A 11 -0.10 7.49 2.69
N THR A 12 0.66 6.88 3.59
CA THR A 12 0.86 7.44 4.93
C THR A 12 2.35 7.61 5.22
N MET A 13 3.00 6.53 5.61
CA MET A 13 4.43 6.56 5.92
C MET A 13 5.18 5.44 5.19
N LYS A 14 4.54 4.87 4.18
CA LYS A 14 5.13 3.79 3.39
C LYS A 14 4.97 2.43 4.08
N ASN A 15 4.02 2.36 5.02
CA ASN A 15 3.77 1.13 5.74
C ASN A 15 3.18 0.07 4.81
N VAL A 16 4.04 -0.51 3.97
CA VAL A 16 3.61 -1.54 3.02
C VAL A 16 2.84 -2.64 3.72
N LEU A 17 3.18 -2.92 4.98
CA LEU A 17 2.49 -3.95 5.74
C LEU A 17 1.00 -3.68 5.82
N ASN A 18 0.67 -2.40 5.90
CA ASN A 18 -0.73 -1.97 5.98
C ASN A 18 -1.39 -2.06 4.61
N HIS A 19 -0.63 -1.71 3.58
CA HIS A 19 -1.13 -1.74 2.21
C HIS A 19 -1.18 -3.18 1.69
N MET A 20 -0.40 -4.06 2.31
CA MET A 20 -0.37 -5.46 1.91
C MET A 20 -1.42 -6.28 2.66
N THR A 21 -2.40 -5.60 3.24
CA THR A 21 -3.46 -6.27 3.98
C THR A 21 -4.83 -6.00 3.35
N HIS A 22 -4.86 -5.14 2.33
CA HIS A 22 -6.12 -4.81 1.67
C HIS A 22 -5.95 -4.61 0.16
N CYS A 23 -4.72 -4.30 -0.26
CA CYS A 23 -4.45 -4.04 -1.65
C CYS A 23 -3.73 -5.23 -2.29
N GLN A 24 -3.37 -5.08 -3.57
CA GLN A 24 -2.68 -6.13 -4.30
C GLN A 24 -1.84 -5.55 -5.43
N ALA A 25 -1.21 -6.43 -6.19
CA ALA A 25 -0.35 -6.03 -7.32
C ALA A 25 1.05 -5.69 -6.84
N GLY A 26 1.86 -6.72 -6.60
CA GLY A 26 3.22 -6.51 -6.15
C GLY A 26 3.77 -7.71 -5.42
N LYS A 27 3.56 -8.90 -5.98
CA LYS A 27 4.05 -10.14 -5.38
C LYS A 27 3.43 -10.34 -3.99
N GLU A 1 2.74 -3.01 -2.89
CA GLU A 1 3.48 -1.92 -2.21
C GLU A 1 2.63 -0.65 -2.11
N VAL A 2 2.67 -0.02 -0.95
CA VAL A 2 1.91 1.19 -0.70
C VAL A 2 2.39 2.33 -1.59
N ARG A 3 3.69 2.32 -1.90
CA ARG A 3 4.27 3.36 -2.74
C ARG A 3 3.73 3.28 -4.16
N ALA A 4 3.33 2.08 -4.58
CA ALA A 4 2.80 1.87 -5.92
C ALA A 4 1.27 1.90 -5.93
N CYS A 5 0.67 2.18 -4.78
CA CYS A 5 -0.78 2.24 -4.66
C CYS A 5 -1.32 3.52 -5.29
N SER A 6 -2.61 3.51 -5.60
CA SER A 6 -3.26 4.68 -6.20
C SER A 6 -4.38 5.19 -5.31
N LEU A 7 -4.34 4.81 -4.03
CA LEU A 7 -5.36 5.25 -3.08
C LEU A 7 -4.83 6.34 -2.14
N PRO A 8 -5.67 7.32 -1.78
CA PRO A 8 -5.29 8.41 -0.89
C PRO A 8 -5.47 8.05 0.58
N HIS A 9 -5.04 6.85 0.95
CA HIS A 9 -5.17 6.38 2.32
C HIS A 9 -3.92 5.63 2.75
N CYS A 10 -3.47 4.73 1.89
CA CYS A 10 -2.29 3.92 2.16
C CYS A 10 -1.03 4.79 2.21
N ARG A 11 -1.04 5.88 1.47
CA ARG A 11 0.10 6.80 1.44
C ARG A 11 0.23 7.54 2.77
N THR A 12 0.90 6.90 3.72
CA THR A 12 1.09 7.49 5.04
C THR A 12 2.58 7.53 5.41
N MET A 13 3.10 6.40 5.88
CA MET A 13 4.51 6.31 6.26
C MET A 13 5.22 5.21 5.49
N LYS A 14 4.56 4.72 4.42
CA LYS A 14 5.12 3.66 3.58
C LYS A 14 4.92 2.28 4.20
N ASN A 15 3.96 2.19 5.13
CA ASN A 15 3.66 0.93 5.80
C ASN A 15 3.08 -0.07 4.80
N VAL A 16 3.94 -0.63 3.97
CA VAL A 16 3.52 -1.61 2.97
C VAL A 16 2.68 -2.72 3.59
N LEU A 17 3.02 -3.10 4.81
CA LEU A 17 2.30 -4.17 5.51
C LEU A 17 0.84 -3.79 5.69
N ASN A 18 0.60 -2.50 5.91
CA ASN A 18 -0.75 -2.00 6.09
C ASN A 18 -1.49 -1.92 4.76
N HIS A 19 -0.74 -1.67 3.69
CA HIS A 19 -1.32 -1.56 2.37
C HIS A 19 -1.61 -2.94 1.78
N MET A 20 -0.57 -3.76 1.65
CA MET A 20 -0.72 -5.11 1.11
C MET A 20 -1.78 -5.91 1.87
N THR A 21 -2.04 -5.51 3.11
CA THR A 21 -3.03 -6.19 3.94
C THR A 21 -4.45 -5.95 3.43
N HIS A 22 -4.63 -4.91 2.62
CA HIS A 22 -5.96 -4.59 2.09
C HIS A 22 -5.92 -4.31 0.59
N CYS A 23 -4.72 -4.22 0.02
CA CYS A 23 -4.57 -3.92 -1.38
C CYS A 23 -3.92 -5.07 -2.12
N GLN A 24 -3.60 -4.85 -3.40
CA GLN A 24 -2.96 -5.86 -4.22
C GLN A 24 -1.78 -5.29 -4.98
N ALA A 25 -1.11 -6.14 -5.77
CA ALA A 25 0.06 -5.74 -6.55
C ALA A 25 1.33 -5.79 -5.72
N GLY A 26 2.43 -6.15 -6.36
CA GLY A 26 3.71 -6.23 -5.66
C GLY A 26 3.95 -7.61 -5.08
N LYS A 27 3.56 -8.65 -5.82
CA LYS A 27 3.75 -10.02 -5.37
C LYS A 27 3.00 -10.27 -4.06
N GLU A 1 2.79 -3.18 -3.08
CA GLU A 1 3.51 -2.12 -2.32
C GLU A 1 2.70 -0.83 -2.30
N VAL A 2 2.61 -0.22 -1.12
CA VAL A 2 1.88 1.01 -0.93
C VAL A 2 2.43 2.12 -1.82
N ARG A 3 3.75 2.11 -2.02
CA ARG A 3 4.41 3.12 -2.84
C ARG A 3 3.86 3.09 -4.27
N ALA A 4 3.41 1.92 -4.71
CA ALA A 4 2.87 1.76 -6.05
C ALA A 4 1.34 1.84 -6.05
N CYS A 5 0.76 2.08 -4.88
CA CYS A 5 -0.70 2.18 -4.76
C CYS A 5 -1.19 3.51 -5.32
N SER A 6 -2.47 3.57 -5.63
CA SER A 6 -3.08 4.79 -6.16
C SER A 6 -4.15 5.32 -5.21
N LEU A 7 -4.12 4.88 -3.95
CA LEU A 7 -5.08 5.30 -2.95
C LEU A 7 -4.46 6.30 -1.98
N PRO A 8 -5.26 7.29 -1.52
CA PRO A 8 -4.79 8.30 -0.57
C PRO A 8 -4.75 7.79 0.87
N HIS A 9 -5.34 6.60 1.08
CA HIS A 9 -5.37 5.99 2.40
C HIS A 9 -4.06 5.30 2.72
N CYS A 10 -3.65 4.40 1.82
CA CYS A 10 -2.41 3.66 1.99
C CYS A 10 -1.21 4.61 2.03
N ARG A 11 -1.34 5.75 1.36
CA ARG A 11 -0.27 6.73 1.33
C ARG A 11 -0.08 7.38 2.69
N THR A 12 0.69 6.73 3.55
CA THR A 12 0.94 7.24 4.89
C THR A 12 2.43 7.42 5.14
N MET A 13 3.12 6.33 5.46
CA MET A 13 4.55 6.38 5.72
C MET A 13 5.27 5.23 5.00
N LYS A 14 4.62 4.67 3.98
CA LYS A 14 5.18 3.57 3.20
C LYS A 14 4.97 2.23 3.90
N ASN A 15 4.02 2.19 4.84
CA ASN A 15 3.72 0.97 5.57
C ASN A 15 3.11 -0.07 4.64
N VAL A 16 3.95 -0.69 3.81
CA VAL A 16 3.50 -1.70 2.87
C VAL A 16 2.69 -2.79 3.56
N LEU A 17 3.04 -3.08 4.81
CA LEU A 17 2.35 -4.11 5.57
C LEU A 17 0.86 -3.80 5.67
N ASN A 18 0.56 -2.51 5.78
CA ASN A 18 -0.82 -2.05 5.87
C ASN A 18 -1.50 -2.12 4.51
N HIS A 19 -0.74 -1.79 3.47
CA HIS A 19 -1.25 -1.81 2.11
C HIS A 19 -1.32 -3.24 1.57
N MET A 20 -0.57 -4.15 2.18
CA MET A 20 -0.56 -5.54 1.76
C MET A 20 -1.61 -6.36 2.51
N THR A 21 -2.57 -5.67 3.12
CA THR A 21 -3.64 -6.32 3.86
C THR A 21 -5.00 -6.03 3.25
N HIS A 22 -5.04 -5.15 2.24
CA HIS A 22 -6.29 -4.80 1.58
C HIS A 22 -6.13 -4.59 0.08
N CYS A 23 -4.92 -4.29 -0.35
CA CYS A 23 -4.65 -4.03 -1.74
C CYS A 23 -3.95 -5.22 -2.41
N GLN A 24 -3.94 -5.22 -3.74
CA GLN A 24 -3.31 -6.30 -4.49
C GLN A 24 -2.03 -5.83 -5.15
N ALA A 25 -1.34 -6.74 -5.84
CA ALA A 25 -0.10 -6.43 -6.53
C ALA A 25 1.10 -6.51 -5.58
N GLY A 26 2.29 -6.65 -6.15
CA GLY A 26 3.49 -6.73 -5.33
C GLY A 26 4.44 -7.81 -5.81
N LYS A 27 4.15 -9.06 -5.43
CA LYS A 27 4.98 -10.18 -5.81
C LYS A 27 4.15 -11.46 -5.97
N GLU A 1 2.78 -3.09 -2.78
CA GLU A 1 3.56 -2.03 -2.11
C GLU A 1 2.80 -0.71 -2.09
N VAL A 2 2.78 -0.06 -0.93
CA VAL A 2 2.09 1.21 -0.77
C VAL A 2 2.66 2.27 -1.71
N ARG A 3 3.94 2.15 -2.01
CA ARG A 3 4.61 3.09 -2.90
C ARG A 3 4.02 3.03 -4.30
N ALA A 4 3.48 1.88 -4.68
CA ALA A 4 2.88 1.70 -5.99
C ALA A 4 1.37 1.83 -5.95
N CYS A 5 0.82 2.08 -4.76
CA CYS A 5 -0.62 2.22 -4.60
C CYS A 5 -1.09 3.57 -5.12
N SER A 6 -2.38 3.68 -5.40
CA SER A 6 -2.96 4.93 -5.88
C SER A 6 -4.05 5.42 -4.93
N LEU A 7 -4.01 4.95 -3.68
CA LEU A 7 -4.99 5.34 -2.68
C LEU A 7 -4.40 6.33 -1.68
N PRO A 8 -5.06 7.50 -1.49
CA PRO A 8 -4.58 8.52 -0.55
C PRO A 8 -4.54 8.00 0.88
N HIS A 9 -5.23 6.90 1.14
CA HIS A 9 -5.27 6.30 2.48
C HIS A 9 -3.94 5.64 2.79
N CYS A 10 -3.55 4.71 1.94
CA CYS A 10 -2.30 3.98 2.12
C CYS A 10 -1.11 4.93 2.12
N ARG A 11 -1.29 6.09 1.48
CA ARG A 11 -0.23 7.09 1.41
C ARG A 11 -0.13 7.84 2.73
N THR A 12 0.62 7.27 3.67
CA THR A 12 0.80 7.90 4.98
C THR A 12 2.26 7.83 5.42
N MET A 13 2.66 6.69 5.98
CA MET A 13 4.04 6.49 6.43
C MET A 13 4.75 5.42 5.61
N LYS A 14 4.09 4.98 4.53
CA LYS A 14 4.66 3.95 3.65
C LYS A 14 4.56 2.56 4.28
N ASN A 15 3.59 2.39 5.18
CA ASN A 15 3.39 1.11 5.84
C ASN A 15 2.93 0.05 4.84
N VAL A 16 3.88 -0.44 4.05
CA VAL A 16 3.59 -1.47 3.05
C VAL A 16 2.79 -2.62 3.64
N LEU A 17 3.16 -3.05 4.84
CA LEU A 17 2.47 -4.15 5.50
C LEU A 17 1.00 -3.82 5.69
N ASN A 18 0.71 -2.54 5.94
CA ASN A 18 -0.65 -2.08 6.14
C ASN A 18 -1.39 -1.99 4.81
N HIS A 19 -0.64 -1.71 3.75
CA HIS A 19 -1.22 -1.59 2.42
C HIS A 19 -1.47 -2.96 1.80
N MET A 20 -0.41 -3.75 1.66
CA MET A 20 -0.54 -5.09 1.09
C MET A 20 -1.58 -5.92 1.83
N THR A 21 -1.86 -5.56 3.07
CA THR A 21 -2.84 -6.27 3.87
C THR A 21 -4.26 -6.05 3.36
N HIS A 22 -4.46 -5.00 2.57
CA HIS A 22 -5.78 -4.69 2.03
C HIS A 22 -5.74 -4.38 0.54
N CYS A 23 -4.54 -4.27 -0.02
CA CYS A 23 -4.38 -3.94 -1.42
C CYS A 23 -3.69 -5.08 -2.18
N GLN A 24 -3.95 -5.15 -3.48
CA GLN A 24 -3.36 -6.19 -4.32
C GLN A 24 -2.11 -5.66 -5.02
N ALA A 25 -1.42 -6.55 -5.72
CA ALA A 25 -0.20 -6.21 -6.45
C ALA A 25 1.02 -6.24 -5.53
N GLY A 26 2.19 -6.49 -6.11
CA GLY A 26 3.41 -6.56 -5.34
C GLY A 26 3.89 -7.97 -5.12
N LYS A 27 3.66 -8.83 -6.11
CA LYS A 27 4.08 -10.22 -6.02
C LYS A 27 3.42 -10.92 -4.84
N GLU A 1 2.87 -3.15 -2.87
CA GLU A 1 3.65 -2.08 -2.20
C GLU A 1 2.88 -0.77 -2.20
N VAL A 2 2.85 -0.12 -1.03
CA VAL A 2 2.16 1.15 -0.88
C VAL A 2 2.71 2.20 -1.83
N ARG A 3 4.00 2.09 -2.14
CA ARG A 3 4.66 3.04 -3.03
C ARG A 3 4.07 2.95 -4.44
N ALA A 4 3.56 1.77 -4.79
CA ALA A 4 2.98 1.56 -6.12
C ALA A 4 1.47 1.70 -6.09
N CYS A 5 0.91 1.96 -4.91
CA CYS A 5 -0.53 2.10 -4.77
C CYS A 5 -1.00 3.45 -5.31
N SER A 6 -2.29 3.55 -5.60
CA SER A 6 -2.86 4.79 -6.11
C SER A 6 -3.96 5.30 -5.17
N LEU A 7 -3.93 4.84 -3.92
CA LEU A 7 -4.92 5.26 -2.93
C LEU A 7 -4.33 6.25 -1.93
N PRO A 8 -4.96 7.43 -1.76
CA PRO A 8 -4.48 8.45 -0.82
C PRO A 8 -4.45 7.95 0.62
N HIS A 9 -5.16 6.86 0.88
CA HIS A 9 -5.23 6.29 2.22
C HIS A 9 -3.91 5.60 2.56
N CYS A 10 -3.51 4.66 1.72
CA CYS A 10 -2.27 3.92 1.91
C CYS A 10 -1.08 4.87 1.91
N ARG A 11 -1.25 6.04 1.31
CA ARG A 11 -0.18 7.04 1.25
C ARG A 11 -0.08 7.80 2.57
N THR A 12 0.64 7.22 3.52
CA THR A 12 0.81 7.84 4.82
C THR A 12 2.27 7.80 5.27
N MET A 13 2.70 6.66 5.82
CA MET A 13 4.06 6.50 6.27
C MET A 13 4.79 5.43 5.46
N LYS A 14 4.15 4.98 4.39
CA LYS A 14 4.73 3.95 3.51
C LYS A 14 4.66 2.56 4.15
N ASN A 15 3.71 2.39 5.06
CA ASN A 15 3.53 1.12 5.74
C ASN A 15 3.06 0.05 4.76
N VAL A 16 3.97 -0.44 3.94
CA VAL A 16 3.66 -1.46 2.95
C VAL A 16 2.85 -2.61 3.54
N LEU A 17 3.21 -3.00 4.77
CA LEU A 17 2.51 -4.08 5.45
C LEU A 17 1.03 -3.76 5.62
N ASN A 18 0.75 -2.48 5.85
CA ASN A 18 -0.62 -2.02 6.01
C ASN A 18 -1.35 -1.96 4.68
N HIS A 19 -0.59 -1.68 3.62
CA HIS A 19 -1.15 -1.60 2.28
C HIS A 19 -1.41 -2.98 1.69
N MET A 20 -0.34 -3.77 1.57
CA MET A 20 -0.45 -5.12 1.02
C MET A 20 -1.50 -5.95 1.77
N THR A 21 -1.78 -5.56 3.00
CA THR A 21 -2.76 -6.26 3.82
C THR A 21 -4.18 -6.07 3.29
N HIS A 22 -4.38 -5.03 2.48
CA HIS A 22 -5.71 -4.74 1.93
C HIS A 22 -5.65 -4.46 0.43
N CYS A 23 -4.46 -4.34 -0.12
CA CYS A 23 -4.29 -4.04 -1.52
C CYS A 23 -3.60 -5.18 -2.25
N GLN A 24 -3.68 -5.16 -3.58
CA GLN A 24 -3.06 -6.19 -4.41
C GLN A 24 -2.05 -5.58 -5.38
N ALA A 25 -1.38 -6.44 -6.14
CA ALA A 25 -0.38 -6.01 -7.12
C ALA A 25 0.98 -5.80 -6.47
N GLY A 26 1.94 -6.65 -6.83
CA GLY A 26 3.27 -6.55 -6.27
C GLY A 26 4.03 -7.85 -6.34
N LYS A 27 3.63 -8.82 -5.53
CA LYS A 27 4.28 -10.12 -5.49
C LYS A 27 3.25 -11.24 -5.36
#